data_2L1V
#
_entry.id   2L1V
#
loop_
_entity.id
_entity.type
_entity.pdbx_description
1 polymer 36-MER
2 non-polymer 7-DEAZA-7-AMINOMETHYL-GUANINE
#
_entity_poly.entity_id   1
_entity_poly.type   'polyribonucleotide'
_entity_poly.pdbx_seq_one_letter_code
;GGAGAGGUUCUAGUUAUACCCUCUAUAAAAAACUAA
;
_entity_poly.pdbx_strand_id   A
#